data_6E33
#
_entry.id   6E33
#
_cell.length_a   50.827
_cell.length_b   40.682
_cell.length_c   58.237
_cell.angle_alpha   90.00
_cell.angle_beta   105.84
_cell.angle_gamma   90.00
#
_symmetry.space_group_name_H-M   'P 1 21 1'
#
loop_
_entity.id
_entity.type
_entity.pdbx_description
1 polymer 'Uncharacterized transcriptional regulatory protein C27B12.11c'
2 polymer "DNA (5'-D(*TP*CP*CP*TP*TP*CP*GP*GP*AP*CP*AP*TP*TP*CP*AP*AP*AP*TP*CP*A)-3')"
3 polymer "DNA (5'-D(*GP*AP*TP*TP*TP*GP*AP*AP*TP*GP*TP*CP*CP*GP*AP*AP*GP*GP*AP*T)-3')"
4 non-polymer 'ZINC ION'
5 water water
#
loop_
_entity_poly.entity_id
_entity_poly.type
_entity_poly.pdbx_seq_one_letter_code
_entity_poly.pdbx_strand_id
1 'polypeptide(L)' GKVKKRLPQAKRACAKCQKDNKKCDDARPCQRCIKAKTDCIDLPRKKRPTGVRRGPYKKLS A
2 'polydeoxyribonucleotide' (DT)(DC)(DC)(DT)(DT)(DC)(DG)(DG)(DA)(DC)(DA)(DT)(DT)(DC)(DA)(DA)(DA)(DT)(DC)(DA) C
3 'polydeoxyribonucleotide' (DG)(DA)(DT)(DT)(DT)(DG)(DA)(DA)(DT)(DG)(DT)(DC)(DC)(DG)(DA)(DA)(DG)(DG)(DA)(DT) B
#
# COMPACT_ATOMS: atom_id res chain seq x y z
N GLY A 1 0.26 -5.39 26.77
CA GLY A 1 0.03 -4.23 25.93
C GLY A 1 0.92 -4.19 24.71
N LYS A 2 0.90 -5.25 23.92
CA LYS A 2 1.76 -5.37 22.75
C LYS A 2 1.09 -4.68 21.56
N VAL A 3 1.46 -3.42 21.33
CA VAL A 3 1.07 -2.73 20.11
C VAL A 3 2.35 -2.23 19.45
N LYS A 4 3.02 -3.12 18.72
CA LYS A 4 4.31 -2.81 18.13
C LYS A 4 4.20 -1.63 17.17
N LYS A 5 5.32 -0.91 17.01
CA LYS A 5 5.42 0.24 16.13
C LYS A 5 6.07 -0.18 14.82
N ARG A 6 5.68 0.48 13.74
CA ARG A 6 6.30 0.28 12.44
C ARG A 6 6.94 1.58 11.96
N LEU A 7 7.95 1.43 11.09
CA LEU A 7 8.51 2.56 10.37
C LEU A 7 7.44 3.15 9.46
N PRO A 8 7.64 4.37 8.95
CA PRO A 8 6.64 4.96 8.04
C PRO A 8 6.36 4.05 6.85
N GLN A 9 5.07 3.91 6.54
CA GLN A 9 4.66 3.18 5.34
C GLN A 9 5.11 3.91 4.08
N ALA A 10 5.38 3.15 3.03
CA ALA A 10 5.40 3.75 1.70
C ALA A 10 4.07 4.43 1.47
N LYS A 11 4.09 5.60 0.80
CA LYS A 11 2.84 6.28 0.53
C LYS A 11 1.88 5.39 -0.27
N ARG A 12 2.42 4.70 -1.28
CA ARG A 12 1.67 3.69 -2.04
C ARG A 12 2.58 2.52 -2.37
N ALA A 13 2.03 1.32 -2.37
CA ALA A 13 2.75 0.12 -2.75
C ALA A 13 2.44 -0.23 -4.20
N CYS A 14 3.48 -0.55 -4.95
CA CYS A 14 3.33 -1.03 -6.32
C CYS A 14 2.66 -2.40 -6.34
N ALA A 15 2.32 -2.85 -7.56
CA ALA A 15 1.57 -4.09 -7.73
C ALA A 15 2.34 -5.30 -7.19
N LYS A 16 3.64 -5.38 -7.48
CA LYS A 16 4.42 -6.51 -7.01
C LYS A 16 4.50 -6.52 -5.50
N CYS A 17 4.69 -5.36 -4.87
CA CYS A 17 4.76 -5.32 -3.41
C CYS A 17 3.40 -5.62 -2.79
N GLN A 18 2.31 -5.22 -3.44
CA GLN A 18 0.99 -5.60 -2.95
C GLN A 18 0.81 -7.10 -3.01
N LYS A 19 1.23 -7.73 -4.11
CA LYS A 19 1.05 -9.17 -4.26
C LYS A 19 1.94 -9.95 -3.30
N ASP A 20 3.17 -9.49 -3.09
CA ASP A 20 4.12 -10.18 -2.23
C ASP A 20 3.95 -9.86 -0.75
N ASN A 21 3.10 -8.88 -0.41
CA ASN A 21 3.00 -8.40 0.97
C ASN A 21 4.36 -7.97 1.50
N LYS A 22 5.12 -7.26 0.68
CA LYS A 22 6.44 -6.78 1.04
C LYS A 22 6.49 -5.26 1.00
N LYS A 23 7.54 -4.70 1.61
CA LYS A 23 7.61 -3.26 1.81
C LYS A 23 8.05 -2.56 0.53
N CYS A 24 7.21 -1.64 0.07
CA CYS A 24 7.53 -0.79 -1.07
C CYS A 24 8.29 0.44 -0.58
N ASP A 25 8.51 1.39 -1.48
CA ASP A 25 9.12 2.66 -1.12
C ASP A 25 8.62 3.71 -2.10
N ASP A 26 9.10 4.94 -1.93
CA ASP A 26 8.47 6.08 -2.59
C ASP A 26 9.11 6.42 -3.93
N ALA A 27 10.21 5.77 -4.32
CA ALA A 27 10.77 5.97 -5.65
C ALA A 27 10.22 4.93 -6.61
N ARG A 28 10.34 5.24 -7.91
CA ARG A 28 9.83 4.36 -8.96
C ARG A 28 10.87 4.20 -10.06
N PRO A 29 11.36 2.97 -10.33
CA PRO A 29 10.93 1.70 -9.72
C PRO A 29 11.29 1.56 -8.25
N CYS A 30 10.49 0.79 -7.51
CA CYS A 30 10.80 0.55 -6.10
C CYS A 30 11.96 -0.43 -5.97
N GLN A 31 12.52 -0.51 -4.76
CA GLN A 31 13.73 -1.30 -4.57
C GLN A 31 13.50 -2.77 -4.88
N ARG A 32 12.32 -3.31 -4.52
CA ARG A 32 12.06 -4.71 -4.78
C ARG A 32 11.96 -5.01 -6.27
N CYS A 33 11.40 -4.07 -7.04
CA CYS A 33 11.35 -4.27 -8.49
C CYS A 33 12.72 -4.06 -9.13
N ILE A 34 13.55 -3.19 -8.55
CA ILE A 34 14.94 -3.08 -9.01
C ILE A 34 15.68 -4.40 -8.80
N LYS A 35 15.51 -5.00 -7.62
CA LYS A 35 16.17 -6.27 -7.33
C LYS A 35 15.69 -7.37 -8.26
N ALA A 36 14.37 -7.47 -8.44
CA ALA A 36 13.80 -8.48 -9.31
C ALA A 36 13.98 -8.16 -10.80
N LYS A 37 14.44 -6.96 -11.13
CA LYS A 37 14.49 -6.46 -12.50
C LYS A 37 13.16 -6.72 -13.24
N THR A 38 12.08 -6.27 -12.61
CA THR A 38 10.75 -6.33 -13.19
C THR A 38 10.15 -4.93 -13.25
N ASP A 39 9.15 -4.75 -14.10
CA ASP A 39 8.49 -3.46 -14.21
C ASP A 39 7.70 -3.15 -12.95
N CYS A 40 7.80 -1.91 -12.49
CA CYS A 40 7.16 -1.45 -11.27
C CYS A 40 5.91 -0.67 -11.63
N ILE A 41 4.74 -1.19 -11.23
CA ILE A 41 3.46 -0.70 -11.73
C ILE A 41 2.59 -0.28 -10.55
N ASP A 42 2.01 0.91 -10.64
CA ASP A 42 1.06 1.41 -9.66
C ASP A 42 -0.37 1.15 -10.12
N LEU A 43 -1.22 0.75 -9.17
CA LEU A 43 -2.61 0.45 -9.49
C LEU A 43 -3.54 1.37 -8.72
N PRO A 44 -4.75 1.58 -9.22
CA PRO A 44 -5.69 2.49 -8.54
C PRO A 44 -6.25 1.87 -7.27
N ARG A 45 -6.51 2.73 -6.29
CA ARG A 45 -7.12 2.35 -5.04
C ARG A 45 -8.65 2.46 -5.13
N LYS A 46 -9.31 1.72 -4.25
CA LYS A 46 -10.77 1.78 -4.19
C LYS A 46 -11.20 3.10 -3.58
N LYS A 47 -12.16 3.77 -4.22
CA LYS A 47 -12.63 5.06 -3.76
C LYS A 47 -14.02 4.90 -3.15
N ARG A 48 -14.16 5.32 -1.90
CA ARG A 48 -15.42 5.14 -1.20
C ARG A 48 -16.51 5.99 -1.85
N PRO A 49 -17.65 5.41 -2.22
CA PRO A 49 -18.76 6.21 -2.72
C PRO A 49 -19.38 7.04 -1.61
N THR A 50 -20.16 8.04 -2.03
CA THR A 50 -21.00 8.76 -1.08
C THR A 50 -22.32 8.03 -0.94
N GLY A 51 -23.01 8.31 0.16
CA GLY A 51 -24.35 7.81 0.34
C GLY A 51 -24.49 6.48 1.06
N VAL A 52 -23.41 5.93 1.61
CA VAL A 52 -23.45 4.66 2.32
C VAL A 52 -23.59 4.95 3.80
N ARG A 53 -24.74 4.61 4.38
CA ARG A 53 -24.96 4.88 5.78
C ARG A 53 -24.12 3.96 6.66
N ARG A 54 -23.83 4.43 7.88
CA ARG A 54 -23.09 3.66 8.85
C ARG A 54 -23.88 3.35 10.12
N GLY A 55 -24.94 4.11 10.41
CA GLY A 55 -25.65 3.94 11.66
C GLY A 55 -25.01 4.78 12.74
N PRO A 56 -25.74 4.98 13.84
CA PRO A 56 -25.24 5.86 14.91
C PRO A 56 -23.92 5.38 15.51
N TYR A 57 -23.10 6.34 15.93
CA TYR A 57 -21.81 6.07 16.56
C TYR A 57 -22.01 5.91 18.07
N LYS A 58 -20.90 5.94 18.83
CA LYS A 58 -20.98 5.85 20.29
C LYS A 58 -21.66 7.09 20.89
#